data_4JWT
#
_entry.id   4JWT
#
_cell.length_a   77.598
_cell.length_b   77.598
_cell.length_c   228.425
_cell.angle_alpha   90.00
_cell.angle_beta   90.00
_cell.angle_gamma   120.00
#
_symmetry.space_group_name_H-M   'P 65 2 2'
#
loop_
_entity.id
_entity.type
_entity.pdbx_description
1 polymer 'Methylthioadenosine nucleosidase'
2 non-polymer 1,2-ETHANEDIOL
3 non-polymer ADENINE
4 water water
#
_entity_poly.entity_id   1
_entity_poly.type   'polypeptide(L)'
_entity_poly.pdbx_seq_one_letter_code
;(MSE)HHHHHHSSGVDLGTENLYFQS(MSE)KIAI(MSE)GA(MSE)PEEISPILEKIGSYKSTSYAGNKYYEATYQGVE
LVIAYSKIGKVFSALSAAT(MSE)IEHFGATKLLFSGVAGAISTNLKVGDLIVATKLSQHDLDITAFGHPYGYVPEGSVF
VEADKD(MSE)IELSKKVALE(MSE)GKSVQEGIIATGDQFVANEERKNWIGTTFGADALE(MSE)EGGSVGVVCNALNI
PFFILRSISDAAD(MSE)DASFSFDEFLESSAKESAEFI(MSE)K(MSE)VDELVALPLQDIK
;
_entity_poly.pdbx_strand_id   A
#
loop_
_chem_comp.id
_chem_comp.type
_chem_comp.name
_chem_comp.formula
ADE non-polymer ADENINE 'C5 H5 N5'
EDO non-polymer 1,2-ETHANEDIOL 'C2 H6 O2'
#
# COMPACT_ATOMS: atom_id res chain seq x y z
N GLY A 10 -16.15 33.31 -11.46
CA GLY A 10 -16.14 32.27 -10.40
C GLY A 10 -15.75 32.81 -9.03
N VAL A 11 -16.52 32.47 -8.01
CA VAL A 11 -16.22 32.88 -6.64
C VAL A 11 -15.95 31.66 -5.77
N ASP A 12 -14.80 31.65 -5.10
CA ASP A 12 -14.48 30.66 -4.08
C ASP A 12 -14.15 31.40 -2.80
N LEU A 13 -14.85 31.04 -1.73
CA LEU A 13 -14.74 31.74 -0.46
C LEU A 13 -13.59 31.21 0.41
N GLY A 14 -12.99 30.10 -0.01
CA GLY A 14 -11.82 29.56 0.70
C GLY A 14 -12.13 28.48 1.74
N THR A 15 -13.40 28.16 1.97
CA THR A 15 -13.80 27.16 2.97
C THR A 15 -14.56 25.98 2.38
N GLU A 16 -14.73 25.98 1.05
CA GLU A 16 -15.57 24.97 0.37
C GLU A 16 -15.08 23.55 0.65
N ASN A 17 -13.77 23.38 0.79
CA ASN A 17 -13.18 22.07 1.01
C ASN A 17 -13.63 21.44 2.32
N LEU A 18 -14.11 22.26 3.25
CA LEU A 18 -14.62 21.75 4.52
C LEU A 18 -15.98 21.12 4.39
N TYR A 19 -16.63 21.36 3.26
CA TYR A 19 -17.99 20.90 3.04
C TYR A 19 -18.06 19.81 1.99
N PHE A 20 -17.45 20.04 0.83
CA PHE A 20 -17.32 19.00 -0.19
C PHE A 20 -16.20 19.38 -1.14
N GLN A 21 -15.26 18.47 -1.33
CA GLN A 21 -14.22 18.67 -2.33
C GLN A 21 -14.16 17.48 -3.27
N SER A 22 -13.41 17.69 -4.36
CA SER A 22 -13.22 16.71 -5.42
C SER A 22 -12.42 15.48 -5.00
N MSE A 23 -11.50 15.65 -4.05
CA MSE A 23 -10.66 14.57 -3.56
C MSE A 23 -11.46 13.31 -3.25
O MSE A 23 -12.49 13.35 -2.54
CB MSE A 23 -9.90 15.00 -2.31
CG MSE A 23 -8.78 14.03 -1.99
SE MSE A 23 -8.02 14.39 -0.23
CE MSE A 23 -7.20 16.14 -0.62
N LYS A 24 -10.99 12.19 -3.80
CA LYS A 24 -11.55 10.87 -3.52
C LYS A 24 -10.40 9.91 -3.23
N ILE A 25 -10.39 9.38 -2.01
CA ILE A 25 -9.29 8.60 -1.50
C ILE A 25 -9.63 7.11 -1.63
N ALA A 26 -8.86 6.41 -2.43
CA ALA A 26 -8.88 4.93 -2.48
C ALA A 26 -8.06 4.40 -1.33
N ILE A 27 -8.61 3.43 -0.61
CA ILE A 27 -7.88 2.76 0.44
C ILE A 27 -8.02 1.28 0.17
N MSE A 28 -6.90 0.58 0.04
CA MSE A 28 -6.90 -0.76 -0.49
C MSE A 28 -6.07 -1.64 0.37
O MSE A 28 -5.08 -1.18 0.91
CB MSE A 28 -6.24 -0.61 -1.86
CG MSE A 28 -6.65 -1.59 -2.91
SE MSE A 28 -5.43 -1.19 -4.45
CE MSE A 28 -4.81 -3.04 -4.38
N GLY A 29 -6.46 -2.89 0.47
CA GLY A 29 -5.58 -3.96 0.93
C GLY A 29 -5.65 -5.12 -0.07
N ALA A 30 -4.95 -6.20 0.23
CA ALA A 30 -4.97 -7.40 -0.60
C ALA A 30 -6.00 -8.43 -0.13
N MSE A 31 -6.26 -8.45 1.18
CA MSE A 31 -7.08 -9.48 1.82
C MSE A 31 -8.13 -8.87 2.73
O MSE A 31 -7.98 -7.71 3.17
CB MSE A 31 -6.15 -10.34 2.68
CG MSE A 31 -5.12 -11.08 1.86
SE MSE A 31 -3.92 -12.12 3.06
CE MSE A 31 -2.68 -10.69 3.56
N PRO A 32 -9.22 -9.60 2.98
CA PRO A 32 -10.29 -9.04 3.80
C PRO A 32 -9.84 -8.58 5.19
N GLU A 33 -8.88 -9.29 5.77
CA GLU A 33 -8.36 -8.97 7.11
C GLU A 33 -7.64 -7.62 7.13
N GLU A 34 -7.18 -7.18 5.96
CA GLU A 34 -6.45 -5.93 5.86
C GLU A 34 -7.36 -4.70 5.73
N ILE A 35 -8.57 -4.87 5.22
CA ILE A 35 -9.47 -3.73 5.09
C ILE A 35 -10.63 -3.68 6.11
N SER A 36 -11.00 -4.82 6.69
CA SER A 36 -12.12 -4.82 7.65
C SER A 36 -11.90 -3.83 8.83
N PRO A 37 -10.65 -3.65 9.31
CA PRO A 37 -10.47 -2.65 10.36
C PRO A 37 -10.70 -1.22 9.85
N ILE A 38 -10.51 -1.01 8.55
CA ILE A 38 -10.82 0.28 7.91
C ILE A 38 -12.33 0.48 7.87
N LEU A 39 -13.06 -0.55 7.45
CA LEU A 39 -14.49 -0.44 7.33
C LEU A 39 -15.14 -0.32 8.72
N GLU A 40 -14.51 -0.84 9.76
CA GLU A 40 -15.01 -0.72 11.14
C GLU A 40 -14.91 0.72 11.65
N LYS A 41 -13.81 1.41 11.33
CA LYS A 41 -13.63 2.79 11.73
C LYS A 41 -14.63 3.70 11.02
N ILE A 42 -14.84 3.49 9.73
CA ILE A 42 -15.76 4.30 8.94
C ILE A 42 -17.21 4.00 9.33
N GLY A 43 -17.50 2.73 9.62
CA GLY A 43 -18.79 2.34 10.17
C GLY A 43 -19.93 2.26 9.16
N SER A 44 -20.19 3.34 8.43
CA SER A 44 -21.29 3.35 7.46
C SER A 44 -20.80 3.59 6.04
N TYR A 45 -21.30 2.80 5.10
CA TYR A 45 -20.81 2.78 3.72
C TYR A 45 -21.73 1.96 2.85
N LYS A 46 -21.65 2.17 1.56
CA LYS A 46 -22.37 1.35 0.61
C LYS A 46 -21.36 0.49 -0.11
N SER A 47 -21.87 -0.48 -0.86
CA SER A 47 -21.02 -1.40 -1.60
C SER A 47 -21.53 -1.59 -3.01
N THR A 48 -20.60 -1.79 -3.95
CA THR A 48 -20.91 -2.00 -5.35
C THR A 48 -20.15 -3.24 -5.81
N SER A 49 -20.83 -4.16 -6.49
CA SER A 49 -20.20 -5.33 -7.07
C SER A 49 -19.71 -4.94 -8.43
N TYR A 50 -18.41 -5.05 -8.66
CA TYR A 50 -17.84 -4.68 -9.96
C TYR A 50 -16.48 -5.33 -10.10
N ALA A 51 -16.10 -5.68 -11.31
CA ALA A 51 -14.80 -6.33 -11.60
C ALA A 51 -14.53 -7.54 -10.71
N GLY A 52 -15.57 -8.31 -10.41
CA GLY A 52 -15.44 -9.58 -9.67
C GLY A 52 -15.20 -9.39 -8.18
N ASN A 53 -15.48 -8.20 -7.69
CA ASN A 53 -15.12 -7.79 -6.35
C ASN A 53 -16.19 -6.88 -5.77
N LYS A 54 -15.98 -6.45 -4.54
CA LYS A 54 -16.86 -5.44 -3.94
C LYS A 54 -16.05 -4.21 -3.58
N TYR A 55 -16.56 -3.05 -4.00
CA TYR A 55 -15.95 -1.76 -3.73
C TYR A 55 -16.91 -0.98 -2.83
N TYR A 56 -16.42 -0.63 -1.66
CA TYR A 56 -17.20 0.05 -0.64
C TYR A 56 -16.93 1.53 -0.77
N GLU A 57 -17.97 2.36 -0.63
CA GLU A 57 -17.82 3.81 -0.74
C GLU A 57 -18.43 4.52 0.45
N ALA A 58 -17.76 5.57 0.91
CA ALA A 58 -18.20 6.35 2.09
C ALA A 58 -17.98 7.85 1.89
N THR A 59 -18.87 8.61 2.51
CA THR A 59 -18.78 10.06 2.58
C THR A 59 -18.13 10.38 3.90
N TYR A 60 -16.93 10.96 3.84
CA TYR A 60 -16.11 11.14 5.03
C TYR A 60 -15.53 12.55 5.11
N GLN A 61 -16.18 13.39 5.93
CA GLN A 61 -15.67 14.71 6.28
C GLN A 61 -15.30 15.59 5.09
N GLY A 62 -16.16 15.61 4.06
CA GLY A 62 -16.00 16.47 2.91
C GLY A 62 -15.35 15.83 1.68
N VAL A 63 -14.77 14.64 1.87
CA VAL A 63 -14.25 13.85 0.76
C VAL A 63 -15.04 12.53 0.68
N GLU A 64 -14.74 11.74 -0.34
CA GLU A 64 -15.34 10.43 -0.45
C GLU A 64 -14.24 9.36 -0.44
N LEU A 65 -14.57 8.19 0.09
CA LEU A 65 -13.61 7.10 0.20
C LEU A 65 -14.10 5.98 -0.69
N VAL A 66 -13.18 5.29 -1.34
CA VAL A 66 -13.50 4.00 -1.96
C VAL A 66 -12.51 3.00 -1.37
N ILE A 67 -13.05 1.88 -0.85
CA ILE A 67 -12.26 0.90 -0.09
C ILE A 67 -12.56 -0.48 -0.65
N ALA A 68 -11.54 -1.32 -0.71
CA ALA A 68 -11.65 -2.66 -1.24
C ALA A 68 -10.42 -3.47 -0.91
N TYR A 69 -10.58 -4.79 -0.93
CA TYR A 69 -9.41 -5.67 -0.94
C TYR A 69 -9.32 -6.29 -2.33
N SER A 70 -8.10 -6.47 -2.83
CA SER A 70 -7.95 -6.79 -4.25
C SER A 70 -8.05 -8.28 -4.58
N LYS A 71 -7.70 -9.09 -3.58
CA LYS A 71 -7.25 -10.47 -3.71
C LYS A 71 -5.72 -10.45 -3.94
N ILE A 72 -5.08 -11.59 -3.74
CA ILE A 72 -3.65 -11.64 -3.67
C ILE A 72 -2.94 -11.57 -5.03
N GLY A 73 -1.87 -10.79 -5.07
CA GLY A 73 -0.93 -10.80 -6.18
C GLY A 73 -0.97 -9.59 -7.09
N LYS A 74 -0.08 -9.60 -8.07
CA LYS A 74 0.13 -8.41 -8.89
C LYS A 74 -0.99 -8.11 -9.85
N VAL A 75 -1.57 -9.17 -10.41
CA VAL A 75 -2.65 -8.96 -11.39
C VAL A 75 -3.91 -8.44 -10.70
N PHE A 76 -4.36 -9.13 -9.66
CA PHE A 76 -5.53 -8.66 -8.96
C PHE A 76 -5.35 -7.26 -8.37
N SER A 77 -4.17 -6.96 -7.81
CA SER A 77 -3.97 -5.66 -7.19
C SER A 77 -3.91 -4.57 -8.27
N ALA A 78 -3.36 -4.89 -9.43
CA ALA A 78 -3.35 -3.94 -10.56
C ALA A 78 -4.78 -3.66 -11.00
N LEU A 79 -5.57 -4.71 -11.13
CA LEU A 79 -6.96 -4.55 -11.52
C LEU A 79 -7.75 -3.66 -10.51
N SER A 80 -7.60 -3.92 -9.22
CA SER A 80 -8.32 -3.09 -8.23
C SER A 80 -7.86 -1.63 -8.22
N ALA A 81 -6.56 -1.42 -8.29
CA ALA A 81 -6.03 -0.05 -8.35
C ALA A 81 -6.59 0.66 -9.55
N ALA A 82 -6.53 0.03 -10.72
CA ALA A 82 -7.05 0.64 -11.96
C ALA A 82 -8.55 0.90 -11.85
N THR A 83 -9.25 -0.04 -11.21
CA THR A 83 -10.71 0.08 -11.09
C THR A 83 -11.09 1.25 -10.18
N MSE A 84 -10.40 1.38 -9.06
CA MSE A 84 -10.66 2.46 -8.11
C MSE A 84 -10.46 3.82 -8.73
O MSE A 84 -11.22 4.75 -8.44
CB MSE A 84 -9.80 2.24 -6.88
CG MSE A 84 -10.34 1.03 -6.09
SE MSE A 84 -9.09 0.36 -4.74
CE MSE A 84 -10.14 0.85 -3.14
N ILE A 85 -9.44 3.95 -9.59
CA ILE A 85 -9.13 5.22 -10.23
C ILE A 85 -10.07 5.47 -11.40
N GLU A 86 -10.11 4.52 -12.32
CA GLU A 86 -10.79 4.70 -13.59
C GLU A 86 -12.31 4.62 -13.48
N HIS A 87 -12.83 3.73 -12.65
CA HIS A 87 -14.28 3.53 -12.56
C HIS A 87 -14.85 4.25 -11.35
N PHE A 88 -14.17 4.21 -10.22
CA PHE A 88 -14.66 4.88 -9.02
C PHE A 88 -14.08 6.27 -8.79
N GLY A 89 -13.18 6.72 -9.67
CA GLY A 89 -12.76 8.13 -9.70
C GLY A 89 -11.82 8.53 -8.59
N ALA A 90 -11.09 7.59 -8.01
CA ALA A 90 -10.10 7.92 -6.97
C ALA A 90 -9.02 8.85 -7.51
N THR A 91 -8.56 9.76 -6.65
CA THR A 91 -7.56 10.77 -7.01
C THR A 91 -6.29 10.63 -6.17
N LYS A 92 -6.37 9.86 -5.09
CA LYS A 92 -5.22 9.53 -4.27
C LYS A 92 -5.40 8.06 -3.88
N LEU A 93 -4.32 7.33 -3.64
CA LEU A 93 -4.45 5.93 -3.21
C LEU A 93 -3.55 5.59 -2.07
N LEU A 94 -4.12 4.95 -1.07
CA LEU A 94 -3.37 4.47 0.09
C LEU A 94 -3.52 2.95 0.14
N PHE A 95 -2.40 2.24 0.30
CA PHE A 95 -2.44 0.79 0.49
C PHE A 95 -2.00 0.42 1.89
N SER A 96 -2.76 -0.47 2.52
CA SER A 96 -2.51 -0.97 3.88
C SER A 96 -2.46 -2.48 3.88
N GLY A 97 -1.40 -3.06 4.42
CA GLY A 97 -1.36 -4.52 4.51
C GLY A 97 -0.17 -5.04 5.28
N VAL A 98 0.11 -6.33 5.10
CA VAL A 98 1.24 -6.96 5.79
C VAL A 98 2.32 -7.31 4.80
N ALA A 99 3.52 -7.51 5.33
CA ALA A 99 4.71 -7.78 4.53
C ALA A 99 5.70 -8.65 5.28
N GLY A 100 6.62 -9.20 4.51
CA GLY A 100 7.73 -9.99 5.03
C GLY A 100 8.96 -9.09 5.17
N ALA A 101 9.60 -9.15 6.35
CA ALA A 101 10.80 -8.36 6.62
C ALA A 101 12.04 -8.95 5.94
N ILE A 102 12.82 -8.07 5.31
CA ILE A 102 14.14 -8.43 4.85
C ILE A 102 15.17 -7.83 5.81
N SER A 103 15.10 -6.51 6.02
CA SER A 103 16.02 -5.83 6.94
C SER A 103 15.92 -6.43 8.33
N THR A 104 17.07 -6.66 8.99
CA THR A 104 17.07 -7.20 10.36
C THR A 104 16.57 -6.24 11.44
N ASN A 105 16.42 -4.95 11.09
CA ASN A 105 15.92 -3.95 12.01
C ASN A 105 14.40 -3.90 12.04
N LEU A 106 13.75 -4.65 11.15
CA LEU A 106 12.29 -4.76 11.19
C LEU A 106 11.93 -6.04 11.93
N LYS A 107 10.98 -5.92 12.84
CA LYS A 107 10.47 -7.09 13.54
C LYS A 107 8.95 -7.13 13.37
N VAL A 108 8.36 -8.24 13.78
CA VAL A 108 6.92 -8.41 13.67
C VAL A 108 6.17 -7.21 14.25
N GLY A 109 5.28 -6.63 13.46
CA GLY A 109 4.48 -5.49 13.91
C GLY A 109 4.98 -4.13 13.50
N ASP A 110 6.29 -4.00 13.26
CA ASP A 110 6.86 -2.74 12.80
C ASP A 110 6.25 -2.31 11.50
N LEU A 111 6.03 -1.00 11.37
CA LEU A 111 5.51 -0.39 10.17
C LEU A 111 6.64 0.06 9.28
N ILE A 112 6.43 -0.11 7.97
CA ILE A 112 7.35 0.41 6.98
C ILE A 112 6.58 1.11 5.87
N VAL A 113 7.01 2.34 5.59
CA VAL A 113 6.46 3.15 4.54
C VAL A 113 7.40 2.97 3.35
N ALA A 114 6.85 2.70 2.17
CA ALA A 114 7.68 2.59 0.97
C ALA A 114 8.15 3.94 0.44
N THR A 115 9.45 4.07 0.20
CA THR A 115 9.99 5.20 -0.52
C THR A 115 9.79 4.95 -2.00
N LYS A 116 10.11 3.75 -2.43
CA LYS A 116 9.92 3.35 -3.81
C LYS A 116 9.85 1.83 -3.88
N LEU A 117 9.34 1.32 -4.99
CA LEU A 117 9.09 -0.13 -5.09
C LEU A 117 9.53 -0.71 -6.41
N SER A 118 9.97 -1.96 -6.37
CA SER A 118 10.33 -2.68 -7.55
C SER A 118 9.52 -3.97 -7.64
N GLN A 119 9.55 -4.60 -8.80
CA GLN A 119 9.01 -5.94 -8.96
C GLN A 119 10.17 -6.91 -9.04
N HIS A 120 10.38 -7.68 -7.98
CA HIS A 120 11.59 -8.52 -7.91
C HIS A 120 11.59 -9.75 -8.79
N ASP A 121 10.42 -10.10 -9.33
CA ASP A 121 10.32 -11.29 -10.16
C ASP A 121 10.21 -10.94 -11.65
N LEU A 122 10.29 -9.65 -11.98
CA LEU A 122 10.16 -9.23 -13.37
C LEU A 122 11.56 -9.32 -13.99
N ASP A 123 11.70 -10.18 -15.00
CA ASP A 123 13.01 -10.64 -15.47
C ASP A 123 13.06 -10.81 -17.00
N ILE A 124 13.59 -9.79 -17.69
CA ILE A 124 13.94 -9.98 -19.10
C ILE A 124 15.45 -9.78 -19.30
N THR A 125 16.21 -10.30 -18.33
CA THR A 125 17.66 -10.22 -18.29
C THR A 125 18.35 -11.02 -19.41
N ALA A 126 17.62 -11.93 -20.07
CA ALA A 126 18.13 -12.57 -21.28
C ALA A 126 18.45 -11.53 -22.36
N PHE A 127 17.86 -10.33 -22.27
CA PHE A 127 18.19 -9.24 -23.17
C PHE A 127 19.10 -8.17 -22.57
N GLY A 128 19.79 -8.53 -21.51
CA GLY A 128 20.77 -7.64 -20.91
C GLY A 128 20.24 -6.47 -20.09
N HIS A 129 18.93 -6.39 -19.90
CA HIS A 129 18.36 -5.37 -19.01
C HIS A 129 18.55 -5.79 -17.56
N PRO A 130 18.59 -4.83 -16.64
CA PRO A 130 18.65 -5.20 -15.22
C PRO A 130 17.37 -5.88 -14.72
N TYR A 131 17.46 -6.58 -13.61
CA TYR A 131 16.31 -7.18 -12.95
C TYR A 131 15.29 -6.12 -12.62
N GLY A 132 14.01 -6.42 -12.89
CA GLY A 132 12.94 -5.52 -12.52
C GLY A 132 12.60 -4.51 -13.60
N TYR A 133 13.28 -4.57 -14.73
CA TYR A 133 13.09 -3.59 -15.79
C TYR A 133 12.48 -4.19 -17.05
N VAL A 134 11.55 -3.43 -17.65
CA VAL A 134 11.12 -3.64 -19.00
C VAL A 134 11.15 -2.28 -19.72
N PRO A 135 11.26 -2.29 -21.04
CA PRO A 135 11.27 -1.05 -21.79
C PRO A 135 10.07 -0.19 -21.47
N GLU A 136 10.31 1.11 -21.38
CA GLU A 136 9.34 2.14 -21.06
C GLU A 136 8.93 2.10 -19.60
N GLY A 137 9.61 1.27 -18.82
CA GLY A 137 9.30 1.15 -17.42
C GLY A 137 10.46 1.69 -16.62
N SER A 138 10.61 1.20 -15.41
CA SER A 138 11.62 1.67 -14.50
CA SER A 138 11.72 1.59 -14.56
C SER A 138 11.83 0.55 -13.46
N VAL A 139 13.04 0.44 -12.91
CA VAL A 139 13.29 -0.54 -11.87
C VAL A 139 12.46 -0.19 -10.63
N PHE A 140 12.41 1.09 -10.28
CA PHE A 140 11.67 1.50 -9.12
C PHE A 140 10.57 2.49 -9.53
N VAL A 141 9.47 2.46 -8.80
CA VAL A 141 8.42 3.44 -8.95
C VAL A 141 8.32 4.15 -7.60
N GLU A 142 8.25 5.49 -7.64
CA GLU A 142 8.37 6.32 -6.43
C GLU A 142 7.04 6.59 -5.79
N ALA A 143 6.94 6.30 -4.51
CA ALA A 143 5.79 6.73 -3.73
C ALA A 143 5.79 8.26 -3.54
N ASP A 144 4.61 8.81 -3.27
CA ASP A 144 4.39 10.25 -3.23
C ASP A 144 5.14 10.88 -2.07
N LYS A 145 5.95 11.89 -2.36
CA LYS A 145 6.76 12.53 -1.31
C LYS A 145 5.91 13.28 -0.28
N ASP A 146 4.89 14.02 -0.69
CA ASP A 146 4.02 14.70 0.28
C ASP A 146 3.43 13.73 1.29
N MSE A 147 2.89 12.59 0.84
CA MSE A 147 2.32 11.63 1.78
C MSE A 147 3.37 10.99 2.66
O MSE A 147 3.10 10.68 3.82
CB MSE A 147 1.46 10.62 1.03
CG MSE A 147 0.17 11.32 0.59
SE MSE A 147 -1.23 10.03 0.06
CE MSE A 147 -0.46 9.64 -1.69
N ILE A 148 4.57 10.80 2.16
CA ILE A 148 5.66 10.27 3.00
C ILE A 148 5.98 11.27 4.13
N GLU A 149 6.02 12.56 3.81
CA GLU A 149 6.22 13.61 4.83
C GLU A 149 5.08 13.55 5.83
N LEU A 150 3.84 13.47 5.33
CA LEU A 150 2.69 13.37 6.23
CA LEU A 150 2.68 13.36 6.21
C LEU A 150 2.82 12.20 7.16
N SER A 151 3.34 11.08 6.66
CA SER A 151 3.49 9.90 7.49
C SER A 151 4.48 10.15 8.63
N LYS A 152 5.49 10.99 8.38
CA LYS A 152 6.41 11.36 9.48
C LYS A 152 5.68 12.16 10.57
N LYS A 153 4.85 13.12 10.16
CA LYS A 153 4.03 13.90 11.09
C LYS A 153 3.12 13.00 11.91
N VAL A 154 2.43 12.07 11.25
CA VAL A 154 1.56 11.14 11.95
C VAL A 154 2.32 10.25 12.93
N ALA A 155 3.47 9.73 12.51
CA ALA A 155 4.22 8.80 13.37
C ALA A 155 4.61 9.45 14.70
N LEU A 156 5.10 10.68 14.63
CA LEU A 156 5.44 11.45 15.84
C LEU A 156 4.20 11.71 16.70
N GLU A 157 3.14 12.26 16.10
CA GLU A 157 1.87 12.44 16.82
C GLU A 157 1.40 11.17 17.53
N MSE A 158 1.63 10.02 16.93
CA MSE A 158 1.25 8.75 17.54
C MSE A 158 2.30 8.27 18.52
O MSE A 158 2.03 7.36 19.31
CB MSE A 158 1.06 7.70 16.46
CG MSE A 158 -0.25 7.89 15.70
SE MSE A 158 -0.50 6.44 14.36
CE MSE A 158 -0.88 4.94 15.58
N GLY A 159 3.50 8.84 18.47
CA GLY A 159 4.62 8.36 19.28
C GLY A 159 5.14 7.01 18.82
N LYS A 160 5.14 6.80 17.50
CA LYS A 160 5.42 5.48 16.93
C LYS A 160 6.66 5.55 16.06
N SER A 161 7.45 4.48 16.10
CA SER A 161 8.65 4.35 15.27
C SER A 161 8.28 3.72 13.93
N VAL A 162 8.41 4.48 12.84
CA VAL A 162 8.03 4.02 11.50
C VAL A 162 9.18 4.18 10.53
N GLN A 163 9.68 3.06 10.02
CA GLN A 163 10.79 3.05 9.06
C GLN A 163 10.33 3.43 7.64
N GLU A 164 11.30 3.90 6.84
CA GLU A 164 11.07 4.22 5.46
C GLU A 164 12.05 3.41 4.69
N GLY A 165 11.61 2.77 3.61
CA GLY A 165 12.52 1.99 2.80
C GLY A 165 11.93 1.47 1.50
N ILE A 166 12.77 0.73 0.80
CA ILE A 166 12.44 0.13 -0.47
C ILE A 166 11.69 -1.16 -0.21
N ILE A 167 10.54 -1.31 -0.87
CA ILE A 167 9.77 -2.55 -0.80
C ILE A 167 9.81 -3.24 -2.17
N ALA A 168 10.07 -4.55 -2.19
CA ALA A 168 10.15 -5.32 -3.41
C ALA A 168 8.89 -6.16 -3.53
N THR A 169 8.28 -6.20 -4.71
CA THR A 169 7.02 -6.93 -4.90
C THR A 169 7.19 -8.07 -5.91
N GLY A 170 6.58 -9.22 -5.62
CA GLY A 170 6.58 -10.33 -6.56
C GLY A 170 5.39 -11.23 -6.29
N ASP A 171 5.07 -12.09 -7.26
CA ASP A 171 3.92 -12.98 -7.15
C ASP A 171 4.26 -14.31 -6.42
N GLN A 172 5.17 -14.24 -5.46
CA GLN A 172 5.51 -15.39 -4.64
C GLN A 172 5.51 -15.02 -3.15
N PHE A 173 4.90 -15.87 -2.35
CA PHE A 173 5.09 -15.82 -0.90
C PHE A 173 6.47 -16.41 -0.59
N VAL A 174 7.37 -15.56 -0.11
CA VAL A 174 8.76 -15.96 0.02
C VAL A 174 8.99 -16.52 1.42
N ALA A 175 9.41 -17.78 1.46
CA ALA A 175 9.60 -18.53 2.70
C ALA A 175 10.92 -19.28 2.60
N ASN A 176 11.96 -18.52 2.27
CA ASN A 176 13.22 -19.07 1.79
C ASN A 176 14.27 -17.97 1.92
N GLU A 177 15.27 -18.17 2.79
CA GLU A 177 16.29 -17.13 3.05
C GLU A 177 17.13 -16.80 1.81
N GLU A 178 17.45 -17.79 1.00
CA GLU A 178 18.25 -17.55 -0.19
C GLU A 178 17.53 -16.56 -1.13
N ARG A 179 16.24 -16.78 -1.36
CA ARG A 179 15.46 -15.89 -2.23
C ARG A 179 15.34 -14.51 -1.58
N LYS A 180 14.96 -14.50 -0.31
CA LYS A 180 14.89 -13.31 0.51
C LYS A 180 16.16 -12.46 0.41
N ASN A 181 17.31 -13.09 0.58
CA ASN A 181 18.60 -12.39 0.54
C ASN A 181 18.93 -11.88 -0.86
N TRP A 182 18.59 -12.65 -1.89
CA TRP A 182 18.78 -12.18 -3.28
C TRP A 182 17.98 -10.91 -3.52
N ILE A 183 16.76 -10.91 -3.03
CA ILE A 183 15.88 -9.79 -3.25
C ILE A 183 16.43 -8.57 -2.51
N GLY A 184 16.82 -8.74 -1.24
CA GLY A 184 17.44 -7.67 -0.48
C GLY A 184 18.68 -7.08 -1.14
N THR A 185 19.55 -7.96 -1.63
CA THR A 185 20.81 -7.51 -2.21
C THR A 185 20.62 -6.85 -3.58
N THR A 186 19.80 -7.46 -4.43
CA THR A 186 19.63 -7.00 -5.79
C THR A 186 18.95 -5.65 -5.83
N PHE A 187 17.96 -5.44 -4.97
CA PHE A 187 17.12 -4.23 -4.99
C PHE A 187 17.35 -3.25 -3.83
N GLY A 188 18.17 -3.62 -2.85
CA GLY A 188 18.34 -2.85 -1.63
C GLY A 188 17.05 -2.79 -0.82
N ALA A 189 16.25 -3.86 -0.91
CA ALA A 189 14.90 -3.85 -0.36
C ALA A 189 14.91 -4.17 1.13
N ASP A 190 14.15 -3.41 1.91
CA ASP A 190 13.95 -3.69 3.35
C ASP A 190 12.82 -4.67 3.66
N ALA A 191 11.88 -4.81 2.73
CA ALA A 191 10.75 -5.70 2.90
C ALA A 191 10.20 -6.16 1.54
N LEU A 192 9.48 -7.28 1.57
CA LEU A 192 8.88 -7.87 0.37
C LEU A 192 7.40 -8.18 0.58
N GLU A 193 6.65 -8.19 -0.53
CA GLU A 193 5.23 -8.44 -0.49
C GLU A 193 4.72 -8.73 -1.90
N MSE A 194 3.42 -8.85 -2.09
CA MSE A 194 2.90 -9.34 -3.36
C MSE A 194 2.02 -8.40 -4.11
O MSE A 194 1.41 -8.81 -5.10
CB MSE A 194 2.15 -10.65 -3.08
CG MSE A 194 3.04 -11.67 -2.40
SE MSE A 194 2.09 -13.37 -2.07
CE MSE A 194 1.94 -14.03 -3.91
N GLU A 195 1.90 -7.13 -3.67
CA GLU A 195 1.04 -6.18 -4.37
C GLU A 195 1.58 -4.77 -4.56
N GLY A 196 2.41 -4.28 -3.64
CA GLY A 196 2.76 -2.85 -3.61
C GLY A 196 3.28 -2.24 -4.90
N GLY A 197 4.27 -2.89 -5.49
CA GLY A 197 4.85 -2.40 -6.72
C GLY A 197 3.92 -2.40 -7.91
N SER A 198 2.97 -3.36 -7.93
CA SER A 198 1.95 -3.42 -8.99
CA SER A 198 1.96 -3.41 -8.99
C SER A 198 1.02 -2.24 -8.86
N VAL A 199 0.55 -2.02 -7.63
CA VAL A 199 -0.29 -0.86 -7.34
C VAL A 199 0.39 0.44 -7.72
N GLY A 200 1.67 0.58 -7.37
CA GLY A 200 2.46 1.78 -7.67
C GLY A 200 2.58 2.06 -9.15
N VAL A 201 2.93 1.04 -9.92
CA VAL A 201 3.00 1.16 -11.38
C VAL A 201 1.68 1.66 -11.94
N VAL A 202 0.58 1.08 -11.48
CA VAL A 202 -0.74 1.52 -11.98
C VAL A 202 -1.04 2.97 -11.60
N CYS A 203 -0.80 3.33 -10.33
CA CYS A 203 -1.06 4.71 -9.90
C CYS A 203 -0.18 5.69 -10.67
N ASN A 204 1.09 5.34 -10.80
CA ASN A 204 2.01 6.13 -11.54
C ASN A 204 1.55 6.31 -12.97
N ALA A 205 1.07 5.23 -13.61
CA ALA A 205 0.62 5.36 -15.00
C ALA A 205 -0.54 6.34 -15.14
N LEU A 206 -1.38 6.37 -14.12
CA LEU A 206 -2.58 7.17 -14.13
C LEU A 206 -2.39 8.54 -13.46
N ASN A 207 -1.15 8.91 -13.16
CA ASN A 207 -0.80 10.13 -12.42
C ASN A 207 -1.53 10.33 -11.10
N ILE A 208 -1.69 9.25 -10.35
CA ILE A 208 -2.35 9.26 -9.07
C ILE A 208 -1.27 9.10 -8.03
N PRO A 209 -1.15 10.05 -7.10
CA PRO A 209 -0.18 9.82 -6.04
C PRO A 209 -0.62 8.68 -5.15
N PHE A 210 0.33 7.89 -4.68
CA PHE A 210 0.04 6.76 -3.83
C PHE A 210 1.00 6.65 -2.68
N PHE A 211 0.59 5.83 -1.72
CA PHE A 211 1.29 5.62 -0.47
C PHE A 211 1.11 4.16 -0.11
N ILE A 212 2.20 3.45 0.13
CA ILE A 212 2.16 2.05 0.52
C ILE A 212 2.68 1.90 1.94
N LEU A 213 1.85 1.34 2.82
CA LEU A 213 2.23 1.06 4.20
C LEU A 213 2.13 -0.43 4.46
N ARG A 214 3.13 -1.02 5.08
CA ARG A 214 3.05 -2.43 5.46
C ARG A 214 3.45 -2.59 6.93
N SER A 215 2.76 -3.47 7.63
CA SER A 215 3.18 -3.94 8.94
C SER A 215 3.72 -5.35 8.77
N ILE A 216 4.89 -5.60 9.34
CA ILE A 216 5.59 -6.86 9.21
C ILE A 216 4.80 -8.00 9.86
N SER A 217 4.65 -9.11 9.15
CA SER A 217 3.97 -10.28 9.68
C SER A 217 4.91 -11.46 9.90
N ASP A 218 6.11 -11.41 9.31
CA ASP A 218 7.02 -12.54 9.30
C ASP A 218 8.37 -12.10 8.74
N ALA A 219 9.33 -13.01 8.69
CA ALA A 219 10.67 -12.70 8.16
C ALA A 219 11.03 -13.48 6.89
N ALA A 220 10.01 -13.90 6.12
CA ALA A 220 10.25 -14.44 4.77
C ALA A 220 11.25 -15.60 4.76
N ASP A 221 11.19 -16.43 5.80
CA ASP A 221 12.10 -17.57 5.94
C ASP A 221 11.28 -18.86 6.06
N MSE A 222 11.88 -19.94 6.56
CA MSE A 222 11.18 -21.24 6.57
CA MSE A 222 11.21 -21.25 6.63
C MSE A 222 10.00 -21.20 7.51
O MSE A 222 9.08 -22.00 7.37
CB MSE A 222 12.11 -22.42 6.92
CB MSE A 222 12.17 -22.30 7.20
CG MSE A 222 11.79 -23.64 6.04
CG MSE A 222 13.38 -22.53 6.31
SE MSE A 222 13.43 -24.59 5.46
SE MSE A 222 14.46 -24.00 7.07
CE MSE A 222 12.63 -25.84 4.16
CE MSE A 222 13.82 -23.86 8.93
N ASP A 223 9.99 -20.25 8.44
CA ASP A 223 8.88 -20.11 9.38
C ASP A 223 7.84 -19.04 8.96
N ALA A 224 7.97 -18.52 7.74
CA ALA A 224 7.13 -17.41 7.29
C ALA A 224 5.61 -17.66 7.35
N SER A 225 5.15 -18.83 6.89
CA SER A 225 3.72 -19.11 6.85
C SER A 225 3.07 -19.15 8.25
N PHE A 226 3.77 -19.73 9.22
CA PHE A 226 3.26 -19.81 10.61
C PHE A 226 3.21 -18.45 11.25
N SER A 227 4.29 -17.69 11.13
CA SER A 227 4.32 -16.33 11.65
C SER A 227 3.21 -15.51 10.99
N PHE A 228 3.05 -15.66 9.68
CA PHE A 228 2.04 -14.91 8.94
C PHE A 228 0.66 -15.20 9.54
N ASP A 229 0.34 -16.46 9.77
CA ASP A 229 -0.95 -16.85 10.39
C ASP A 229 -1.12 -16.27 11.78
N GLU A 230 -0.05 -16.28 12.55
CA GLU A 230 -0.12 -15.79 13.92
C GLU A 230 -0.35 -14.29 13.97
N PHE A 231 0.31 -13.56 13.09
CA PHE A 231 0.34 -12.12 13.18
C PHE A 231 -0.46 -11.37 12.12
N LEU A 232 -1.15 -12.09 11.22
CA LEU A 232 -1.91 -11.43 10.16
C LEU A 232 -2.89 -10.39 10.71
N GLU A 233 -3.74 -10.81 11.63
CA GLU A 233 -4.80 -9.95 12.16
C GLU A 233 -4.22 -8.73 12.91
N SER A 234 -3.22 -8.96 13.77
CA SER A 234 -2.66 -7.89 14.59
C SER A 234 -1.83 -6.93 13.74
N SER A 235 -0.99 -7.46 12.86
CA SER A 235 -0.26 -6.60 11.94
C SER A 235 -1.19 -5.81 11.00
N ALA A 236 -2.18 -6.49 10.43
CA ALA A 236 -3.16 -5.82 9.59
C ALA A 236 -3.85 -4.66 10.33
N LYS A 237 -4.16 -4.85 11.62
CA LYS A 237 -4.79 -3.79 12.41
CA LYS A 237 -4.80 -3.78 12.39
C LYS A 237 -3.83 -2.63 12.62
N GLU A 238 -2.56 -2.93 12.89
CA GLU A 238 -1.54 -1.90 13.06
C GLU A 238 -1.44 -0.99 11.81
N SER A 239 -1.39 -1.61 10.63
CA SER A 239 -1.32 -0.84 9.40
C SER A 239 -2.58 0.01 9.22
N ALA A 240 -3.73 -0.61 9.43
CA ALA A 240 -5.02 0.06 9.21
C ALA A 240 -5.25 1.28 10.11
N GLU A 241 -4.78 1.23 11.34
CA GLU A 241 -4.92 2.34 12.30
CA GLU A 241 -4.96 2.33 12.29
C GLU A 241 -4.14 3.55 11.84
N PHE A 242 -2.89 3.31 11.43
CA PHE A 242 -2.06 4.35 10.86
C PHE A 242 -2.69 4.95 9.62
N ILE A 243 -3.23 4.09 8.74
CA ILE A 243 -3.82 4.56 7.50
C ILE A 243 -5.00 5.49 7.75
N MSE A 244 -5.82 5.19 8.75
CA MSE A 244 -6.96 6.08 9.04
C MSE A 244 -6.45 7.42 9.57
O MSE A 244 -7.06 8.46 9.27
CB MSE A 244 -8.01 5.46 9.97
CG MSE A 244 -8.91 4.44 9.27
SE MSE A 244 -9.88 5.19 7.71
CE MSE A 244 -10.69 6.83 8.48
N LYS A 245 -5.36 7.42 10.31
CA LYS A 245 -4.76 8.69 10.74
C LYS A 245 -4.28 9.49 9.53
N MSE A 246 -3.74 8.80 8.53
CA MSE A 246 -3.32 9.44 7.27
C MSE A 246 -4.52 10.08 6.61
O MSE A 246 -4.43 11.21 6.10
CB MSE A 246 -2.72 8.39 6.33
CG MSE A 246 -1.33 7.90 6.76
SE MSE A 246 -0.03 9.34 6.44
CE MSE A 246 0.03 9.31 4.47
N VAL A 247 -5.65 9.37 6.58
CA VAL A 247 -6.84 9.91 5.93
C VAL A 247 -7.26 11.22 6.63
N ASP A 248 -7.31 11.21 7.96
CA ASP A 248 -7.71 12.40 8.71
C ASP A 248 -6.77 13.57 8.39
N GLU A 249 -5.48 13.30 8.28
CA GLU A 249 -4.51 14.31 7.83
C GLU A 249 -4.79 14.82 6.42
N LEU A 250 -5.06 13.92 5.47
CA LEU A 250 -5.31 14.32 4.07
C LEU A 250 -6.56 15.17 3.91
N VAL A 251 -7.54 14.92 4.77
CA VAL A 251 -8.75 15.74 4.83
C VAL A 251 -8.44 17.13 5.43
N ALA A 252 -7.41 17.22 6.27
CA ALA A 252 -7.05 18.46 6.99
C ALA A 252 -6.15 19.44 6.22
N LEU A 253 -5.67 19.04 5.04
CA LEU A 253 -4.76 19.90 4.24
C LEU A 253 -5.31 21.33 4.09
N PRO A 254 -4.47 22.37 4.33
CA PRO A 254 -4.91 23.77 4.31
C PRO A 254 -5.74 24.18 3.09
C1 EDO B . -19.33 -7.43 -12.12
O1 EDO B . -18.49 -7.98 -11.07
C2 EDO B . -18.64 -7.45 -13.50
O2 EDO B . -17.84 -6.26 -13.68
C1 EDO C . 7.33 11.99 -6.19
O1 EDO C . 6.41 12.51 -5.22
C2 EDO C . 6.74 10.72 -6.80
O2 EDO C . 5.88 11.04 -7.91
C1 EDO D . -21.12 17.40 5.14
O1 EDO D . -19.77 17.13 4.75
C2 EDO D . -21.36 18.89 5.13
O2 EDO D . -20.94 19.43 3.86
C1 EDO E . 3.29 9.35 -14.74
O1 EDO E . 3.22 9.78 -13.36
C2 EDO E . 4.75 9.15 -15.16
O2 EDO E . 4.95 7.81 -15.60
N9 ADE F . 3.35 -10.79 2.94
C8 ADE F . 3.63 -11.02 4.24
N7 ADE F . 4.67 -11.89 4.37
C5 ADE F . 5.07 -12.20 3.13
C6 ADE F . 6.10 -13.05 2.54
N6 ADE F . 6.92 -13.75 3.32
N1 ADE F . 6.21 -13.12 1.19
C2 ADE F . 5.38 -12.45 0.41
N3 ADE F . 4.40 -11.64 0.87
C4 ADE F . 4.21 -11.49 2.19
#